data_4ZEI
#
_entry.id   4ZEI
#
_cell.length_a   77.970
_cell.length_b   114.860
_cell.length_c   109.850
_cell.angle_alpha   90.00
_cell.angle_beta   90.00
_cell.angle_gamma   90.00
#
_symmetry.space_group_name_H-M   'C 2 2 21'
#
loop_
_entity.id
_entity.type
_entity.pdbx_description
1 polymer 'ABC transporter, substrate binding protein (Agrocinopines A and B)'
2 non-polymer 2-O-phosphono-alpha-L-arabinopyranose
3 non-polymer 1,2-ETHANEDIOL
4 water water
#
_entity_poly.entity_id   1
_entity_poly.type   'polypeptide(L)'
_entity_poly.pdbx_seq_one_letter_code
;MQERRALRLGVNGLPNSLEPVNAISNVGPRIVNQIFDTLIARDFFAKGAPGNAIDLVPALAESWERIDEKSVRFKLRQKV
MFHDGVELTADDVAYTFSSERLWGPEAIKKIPLGKSYSLDFDEPVVEDKYTVTLRTKTPSYLIETFVASWMSRIVPKEYY
KKLGAVDFGNKPVGTGPYKFVEFVAGDRVVLEANDAYWGPKPTASKITYQIVAEPATRVAGLISGEYDIITTLTPDDIQL
INSYPDLETRGTLIENFHMFTFNMNQEVFKDKKLRRALALAVNRPIMVEALWKKQASIPAGFNFPNYGETFDPKRKAMEY
NVEEAKRLVKESGYDGTPITYHTMGNYYANAMPALMMMIEMWKQIGVNVVMKTYAPGSFPPDNQTWMRNWSNGQWMTDAY
ATIVPEFGPNGQVQKRWGWKAPAEFNELCQKVTVLPNGKERFDAYNRMRDIFEEEAPAVILYQPYDVYAARKDVHWKPVS
FEMMEFRNNLSFGHHHHHH
;
_entity_poly.pdbx_strand_id   A
#
# COMPACT_ATOMS: atom_id res chain seq x y z
N ARG A 4 -18.59 5.10 -25.72
CA ARG A 4 -18.16 5.07 -24.32
C ARG A 4 -17.75 6.46 -23.85
N ARG A 5 -17.92 6.71 -22.55
CA ARG A 5 -17.55 7.96 -21.90
C ARG A 5 -16.11 7.89 -21.40
N ALA A 6 -15.42 9.03 -21.44
CA ALA A 6 -14.07 9.16 -20.90
C ALA A 6 -14.22 9.48 -19.39
N LEU A 7 -13.44 8.79 -18.54
CA LEU A 7 -13.48 8.95 -17.08
C LEU A 7 -12.49 10.02 -16.59
N ARG A 8 -13.03 11.07 -15.95
CA ARG A 8 -12.25 12.18 -15.39
C ARG A 8 -12.09 11.93 -13.87
N LEU A 9 -10.84 11.72 -13.39
CA LEU A 9 -10.60 11.43 -11.95
C LEU A 9 -9.79 12.51 -11.24
N GLY A 10 -10.34 13.02 -10.15
CA GLY A 10 -9.71 14.00 -9.28
C GLY A 10 -9.00 13.26 -8.16
N VAL A 11 -7.68 13.15 -8.27
CA VAL A 11 -6.85 12.40 -7.32
C VAL A 11 -6.01 13.28 -6.40
N ASN A 12 -5.54 12.70 -5.27
CA ASN A 12 -4.70 13.36 -4.26
C ASN A 12 -3.24 13.48 -4.71
N GLY A 13 -2.81 12.52 -5.53
CA GLY A 13 -1.45 12.42 -6.01
C GLY A 13 -1.23 11.34 -7.05
N LEU A 14 -0.01 11.33 -7.60
CA LEU A 14 0.43 10.40 -8.64
C LEU A 14 1.73 9.74 -8.23
N PRO A 15 2.05 8.50 -8.66
CA PRO A 15 3.33 7.90 -8.26
C PRO A 15 4.50 8.50 -9.06
N ASN A 16 5.74 8.29 -8.59
CA ASN A 16 6.97 8.77 -9.25
C ASN A 16 7.22 7.96 -10.53
N SER A 17 6.67 6.74 -10.60
CA SER A 17 6.85 5.81 -11.70
C SER A 17 5.59 4.97 -11.93
N LEU A 18 5.43 4.41 -13.13
CA LEU A 18 4.34 3.50 -13.47
C LEU A 18 4.84 2.06 -13.65
N GLU A 19 6.11 1.80 -13.26
CA GLU A 19 6.70 0.47 -13.21
C GLU A 19 5.97 -0.11 -11.99
N PRO A 20 5.29 -1.28 -12.11
CA PRO A 20 4.40 -1.73 -11.03
C PRO A 20 4.90 -1.93 -9.59
N VAL A 21 6.17 -2.30 -9.39
CA VAL A 21 6.72 -2.46 -8.03
C VAL A 21 7.05 -1.07 -7.44
N ASN A 22 7.62 -0.17 -8.28
CA ASN A 22 7.99 1.19 -7.91
C ASN A 22 6.79 2.11 -7.71
N ALA A 23 5.60 1.67 -8.16
CA ALA A 23 4.34 2.40 -8.02
C ALA A 23 3.61 2.02 -6.73
N ILE A 24 4.14 1.05 -5.94
CA ILE A 24 3.54 0.66 -4.65
C ILE A 24 3.48 1.89 -3.71
N SER A 25 2.25 2.38 -3.51
CA SER A 25 1.86 3.56 -2.74
C SER A 25 0.34 3.61 -2.66
N ASN A 26 -0.23 4.67 -2.05
CA ASN A 26 -1.68 4.88 -1.95
C ASN A 26 -2.21 5.38 -3.31
N VAL A 27 -1.28 5.89 -4.16
CA VAL A 27 -1.59 6.57 -5.42
C VAL A 27 -1.23 5.85 -6.74
N GLY A 28 -0.35 4.86 -6.65
CA GLY A 28 0.09 4.05 -7.78
C GLY A 28 -0.85 2.92 -8.16
N PRO A 29 -1.26 2.01 -7.23
CA PRO A 29 -2.17 0.90 -7.60
C PRO A 29 -3.46 1.23 -8.34
N ARG A 30 -4.04 2.44 -8.15
CA ARG A 30 -5.27 2.83 -8.88
C ARG A 30 -5.03 2.95 -10.37
N ILE A 31 -3.78 3.29 -10.77
CA ILE A 31 -3.34 3.42 -12.17
C ILE A 31 -2.81 2.08 -12.72
N VAL A 32 -1.78 1.49 -12.07
CA VAL A 32 -1.13 0.23 -12.48
C VAL A 32 -2.04 -0.99 -12.61
N ASN A 33 -3.17 -1.00 -11.85
CA ASN A 33 -4.20 -2.08 -11.88
C ASN A 33 -4.95 -2.08 -13.23
N GLN A 34 -4.87 -0.97 -13.97
CA GLN A 34 -5.50 -0.82 -15.28
C GLN A 34 -4.54 -1.21 -16.38
N ILE A 35 -3.26 -0.86 -16.22
CA ILE A 35 -2.21 -1.17 -17.19
C ILE A 35 -1.81 -2.66 -17.16
N PHE A 36 -1.74 -3.26 -15.94
CA PHE A 36 -1.28 -4.64 -15.80
C PHE A 36 -2.31 -5.61 -15.25
N ASP A 37 -1.91 -6.89 -15.20
CA ASP A 37 -2.65 -8.03 -14.69
C ASP A 37 -1.70 -8.89 -13.86
N THR A 38 -2.27 -9.68 -12.94
CA THR A 38 -1.54 -10.63 -12.10
C THR A 38 -1.90 -12.05 -12.59
N LEU A 39 -1.20 -13.10 -12.10
CA LEU A 39 -1.50 -14.49 -12.47
C LEU A 39 -2.80 -14.90 -11.77
N ILE A 40 -2.89 -14.59 -10.47
CA ILE A 40 -4.05 -14.82 -9.61
C ILE A 40 -4.58 -13.43 -9.27
N ALA A 41 -5.91 -13.27 -9.27
CA ALA A 41 -6.51 -12.00 -8.92
C ALA A 41 -7.47 -12.19 -7.75
N ARG A 42 -7.72 -11.11 -7.00
CA ARG A 42 -8.66 -11.14 -5.89
C ARG A 42 -10.02 -10.65 -6.38
N ASP A 43 -11.07 -11.42 -6.10
CA ASP A 43 -12.42 -11.02 -6.45
C ASP A 43 -13.13 -10.50 -5.21
N PHE A 44 -13.01 -9.18 -4.99
CA PHE A 44 -13.61 -8.44 -3.87
C PHE A 44 -15.15 -8.51 -3.85
N PHE A 45 -15.77 -8.73 -5.02
CA PHE A 45 -17.24 -8.77 -5.15
C PHE A 45 -17.85 -10.17 -5.14
N ALA A 46 -17.02 -11.21 -4.91
CA ALA A 46 -17.43 -12.62 -4.81
C ALA A 46 -18.52 -12.81 -3.76
N LYS A 47 -19.56 -13.62 -4.08
CA LYS A 47 -20.71 -13.92 -3.21
C LYS A 47 -21.42 -12.65 -2.68
N GLY A 48 -21.65 -11.70 -3.59
CA GLY A 48 -22.31 -10.42 -3.33
C GLY A 48 -21.72 -9.59 -2.20
N ALA A 49 -20.38 -9.66 -2.05
CA ALA A 49 -19.66 -8.94 -1.01
C ALA A 49 -19.52 -7.46 -1.37
N PRO A 50 -19.59 -6.51 -0.40
CA PRO A 50 -19.47 -5.10 -0.76
C PRO A 50 -18.02 -4.63 -1.00
N GLY A 51 -17.30 -5.36 -1.84
CA GLY A 51 -15.91 -5.05 -2.20
C GLY A 51 -14.86 -5.40 -1.16
N ASN A 52 -15.14 -6.39 -0.31
CA ASN A 52 -14.23 -6.80 0.75
C ASN A 52 -13.94 -8.32 0.79
N ALA A 53 -14.44 -9.08 -0.21
CA ALA A 53 -14.21 -10.53 -0.29
C ALA A 53 -12.74 -10.85 -0.54
N ILE A 54 -12.26 -11.94 0.08
CA ILE A 54 -10.88 -12.43 0.03
C ILE A 54 -10.63 -13.52 -1.03
N ASP A 55 -11.67 -13.86 -1.84
CA ASP A 55 -11.63 -14.89 -2.88
C ASP A 55 -10.58 -14.67 -3.98
N LEU A 56 -9.71 -15.66 -4.17
CA LEU A 56 -8.64 -15.65 -5.17
C LEU A 56 -9.08 -16.36 -6.44
N VAL A 57 -9.28 -15.57 -7.51
CA VAL A 57 -9.75 -16.05 -8.83
C VAL A 57 -8.61 -16.20 -9.88
N PRO A 58 -8.80 -17.02 -10.94
CA PRO A 58 -7.78 -17.09 -11.99
C PRO A 58 -7.77 -15.81 -12.84
N ALA A 59 -6.57 -15.34 -13.22
CA ALA A 59 -6.39 -14.17 -14.07
C ALA A 59 -5.53 -14.57 -15.30
N LEU A 60 -4.24 -14.19 -15.35
CA LEU A 60 -3.32 -14.57 -16.43
C LEU A 60 -3.02 -16.09 -16.42
N ALA A 61 -3.20 -16.74 -15.26
CA ALA A 61 -3.04 -18.18 -15.10
C ALA A 61 -4.46 -18.79 -15.02
N GLU A 62 -4.81 -19.68 -15.97
CA GLU A 62 -6.10 -20.36 -16.02
C GLU A 62 -6.27 -21.28 -14.80
N SER A 63 -5.16 -21.92 -14.38
CA SER A 63 -5.08 -22.80 -13.21
C SER A 63 -3.69 -22.74 -12.59
N TRP A 64 -3.60 -23.09 -11.31
CA TRP A 64 -2.33 -23.15 -10.58
C TRP A 64 -2.33 -24.34 -9.65
N GLU A 65 -1.16 -24.93 -9.41
CA GLU A 65 -1.03 -26.11 -8.56
C GLU A 65 0.25 -26.10 -7.75
N ARG A 66 0.10 -26.16 -6.41
CA ARG A 66 1.26 -26.25 -5.53
C ARG A 66 1.87 -27.64 -5.71
N ILE A 67 3.15 -27.68 -6.06
CA ILE A 67 3.91 -28.91 -6.27
C ILE A 67 4.37 -29.40 -4.88
N ASP A 68 5.35 -28.70 -4.28
CA ASP A 68 5.88 -28.97 -2.94
C ASP A 68 5.82 -27.70 -2.06
N GLU A 69 6.37 -27.77 -0.83
CA GLU A 69 6.42 -26.69 0.16
C GLU A 69 7.15 -25.41 -0.35
N LYS A 70 7.92 -25.52 -1.45
CA LYS A 70 8.64 -24.37 -2.01
C LYS A 70 8.38 -24.05 -3.50
N SER A 71 7.36 -24.66 -4.14
CA SER A 71 7.06 -24.40 -5.55
C SER A 71 5.59 -24.53 -5.95
N VAL A 72 5.16 -23.70 -6.92
CA VAL A 72 3.81 -23.64 -7.48
C VAL A 72 3.89 -23.56 -9.02
N ARG A 73 3.14 -24.42 -9.74
CA ARG A 73 3.09 -24.41 -11.20
C ARG A 73 1.88 -23.60 -11.63
N PHE A 74 2.05 -22.74 -12.65
CA PHE A 74 0.97 -21.92 -13.19
C PHE A 74 0.79 -22.26 -14.67
N LYS A 75 -0.45 -22.61 -15.06
CA LYS A 75 -0.79 -22.89 -16.45
C LYS A 75 -1.43 -21.60 -16.96
N LEU A 76 -0.74 -20.92 -17.87
CA LEU A 76 -1.14 -19.61 -18.39
C LEU A 76 -2.21 -19.62 -19.45
N ARG A 77 -3.00 -18.53 -19.47
CA ARG A 77 -4.04 -18.25 -20.44
C ARG A 77 -3.37 -18.03 -21.78
N GLN A 78 -3.83 -18.75 -22.81
CA GLN A 78 -3.24 -18.70 -24.16
C GLN A 78 -3.68 -17.48 -24.96
N LYS A 79 -2.81 -17.05 -25.91
CA LYS A 79 -3.04 -15.94 -26.87
C LYS A 79 -3.34 -14.55 -26.24
N VAL A 80 -2.87 -14.32 -25.00
CA VAL A 80 -3.04 -13.04 -24.29
C VAL A 80 -2.01 -12.06 -24.87
N MET A 81 -2.44 -10.82 -25.15
CA MET A 81 -1.58 -9.81 -25.72
C MET A 81 -1.22 -8.63 -24.82
N PHE A 82 0.06 -8.20 -24.87
CA PHE A 82 0.56 -6.98 -24.23
C PHE A 82 0.09 -5.85 -25.14
N HIS A 83 0.03 -4.60 -24.63
CA HIS A 83 -0.46 -3.42 -25.36
C HIS A 83 0.14 -3.14 -26.73
N ASP A 84 1.40 -3.58 -26.94
CA ASP A 84 2.15 -3.43 -28.19
C ASP A 84 1.93 -4.61 -29.18
N GLY A 85 1.03 -5.53 -28.82
CA GLY A 85 0.67 -6.68 -29.65
C GLY A 85 1.46 -7.95 -29.41
N VAL A 86 2.47 -7.90 -28.51
CA VAL A 86 3.32 -9.05 -28.19
C VAL A 86 2.56 -10.04 -27.33
N GLU A 87 2.62 -11.32 -27.70
CA GLU A 87 1.95 -12.40 -26.97
C GLU A 87 2.65 -12.67 -25.63
N LEU A 88 1.85 -12.79 -24.57
CA LEU A 88 2.34 -13.11 -23.24
C LEU A 88 2.72 -14.59 -23.17
N THR A 89 3.92 -14.88 -22.64
CA THR A 89 4.41 -16.25 -22.50
C THR A 89 4.98 -16.43 -21.08
N ALA A 90 5.41 -17.67 -20.75
CA ALA A 90 6.02 -18.03 -19.47
C ALA A 90 7.34 -17.31 -19.28
N ASP A 91 7.96 -16.84 -20.40
CA ASP A 91 9.21 -16.08 -20.45
C ASP A 91 9.03 -14.70 -19.79
N ASP A 92 7.88 -14.03 -20.08
CA ASP A 92 7.51 -12.73 -19.50
C ASP A 92 7.22 -12.88 -18.00
N VAL A 93 6.64 -14.03 -17.59
CA VAL A 93 6.32 -14.35 -16.19
C VAL A 93 7.63 -14.70 -15.42
N ALA A 94 8.54 -15.47 -16.05
CA ALA A 94 9.85 -15.81 -15.47
C ALA A 94 10.69 -14.55 -15.22
N TYR A 95 10.61 -13.56 -16.14
CA TYR A 95 11.32 -12.28 -16.02
C TYR A 95 10.76 -11.40 -14.89
N THR A 96 9.42 -11.38 -14.69
CA THR A 96 8.73 -10.60 -13.64
C THR A 96 9.25 -11.01 -12.24
N PHE A 97 9.53 -12.31 -12.09
CA PHE A 97 9.97 -12.93 -10.85
C PHE A 97 11.43 -13.35 -10.90
N SER A 98 12.22 -12.74 -11.81
CA SER A 98 13.63 -13.10 -11.98
C SER A 98 14.54 -12.33 -11.05
N SER A 99 15.74 -12.90 -10.80
CA SER A 99 16.82 -12.32 -10.02
C SER A 99 17.26 -11.00 -10.69
N GLU A 100 17.41 -11.03 -12.03
CA GLU A 100 17.79 -9.87 -12.86
C GLU A 100 16.89 -8.65 -12.62
N ARG A 101 15.56 -8.83 -12.73
CA ARG A 101 14.57 -7.78 -12.62
C ARG A 101 14.09 -7.48 -11.19
N LEU A 102 13.83 -8.52 -10.38
CA LEU A 102 13.20 -8.35 -9.07
C LEU A 102 14.01 -8.50 -7.77
N TRP A 103 14.34 -9.74 -7.38
CA TRP A 103 14.97 -10.11 -6.11
C TRP A 103 16.51 -10.24 -6.03
N GLY A 104 17.19 -10.24 -7.17
CA GLY A 104 18.65 -10.37 -7.21
C GLY A 104 19.43 -9.20 -6.63
N PRO A 105 20.77 -9.31 -6.48
CA PRO A 105 21.54 -8.18 -5.92
C PRO A 105 21.56 -6.96 -6.85
N GLU A 106 21.58 -7.20 -8.17
CA GLU A 106 21.57 -6.22 -9.26
C GLU A 106 20.30 -5.36 -9.35
N ALA A 107 19.14 -5.94 -8.99
CA ALA A 107 17.82 -5.32 -9.08
C ALA A 107 17.53 -4.12 -8.17
N ILE A 108 18.38 -3.85 -7.17
CA ILE A 108 18.22 -2.75 -6.20
C ILE A 108 18.40 -1.37 -6.86
N LYS A 109 19.19 -1.31 -7.96
CA LYS A 109 19.44 -0.13 -8.79
C LYS A 109 18.14 0.20 -9.53
N LYS A 110 17.46 -0.83 -10.06
CA LYS A 110 16.22 -0.76 -10.81
C LYS A 110 15.01 -0.56 -9.87
N ILE A 111 14.73 -1.55 -9.01
CA ILE A 111 13.64 -1.54 -8.05
C ILE A 111 14.24 -1.55 -6.62
N PRO A 112 14.31 -0.36 -5.95
CA PRO A 112 14.94 -0.27 -4.63
C PRO A 112 14.39 -1.18 -3.54
N LEU A 113 13.05 -1.35 -3.49
CA LEU A 113 12.39 -2.18 -2.49
C LEU A 113 12.03 -3.61 -2.96
N GLY A 114 12.55 -4.02 -4.12
CA GLY A 114 12.36 -5.34 -4.72
C GLY A 114 12.72 -6.51 -3.83
N LYS A 115 14.00 -6.62 -3.41
CA LYS A 115 14.48 -7.69 -2.53
C LYS A 115 13.80 -7.69 -1.16
N SER A 116 13.68 -6.51 -0.52
CA SER A 116 13.06 -6.34 0.81
C SER A 116 11.59 -6.75 0.83
N TYR A 117 10.85 -6.42 -0.24
CA TYR A 117 9.42 -6.76 -0.37
C TYR A 117 9.20 -8.17 -0.94
N SER A 118 10.28 -8.82 -1.45
CA SER A 118 10.20 -10.17 -2.03
C SER A 118 10.35 -11.32 -1.01
N LEU A 119 9.92 -12.52 -1.44
CA LEU A 119 10.06 -13.77 -0.72
C LEU A 119 11.49 -14.26 -1.02
N ASP A 120 11.96 -15.31 -0.30
CA ASP A 120 13.27 -15.88 -0.56
C ASP A 120 13.20 -16.70 -1.87
N PHE A 121 13.00 -16.00 -2.99
CA PHE A 121 12.83 -16.61 -4.29
C PHE A 121 14.05 -17.32 -4.85
N ASP A 122 13.77 -18.28 -5.70
CA ASP A 122 14.71 -19.00 -6.52
C ASP A 122 14.26 -18.62 -7.93
N GLU A 123 15.13 -18.80 -8.91
CA GLU A 123 14.86 -18.50 -10.31
C GLU A 123 13.62 -19.27 -10.80
N PRO A 124 12.65 -18.60 -11.47
CA PRO A 124 11.47 -19.35 -11.96
C PRO A 124 11.82 -20.43 -12.99
N VAL A 125 11.00 -21.50 -13.08
CA VAL A 125 11.22 -22.59 -14.03
C VAL A 125 10.17 -22.51 -15.15
N VAL A 126 10.62 -22.23 -16.39
CA VAL A 126 9.78 -22.20 -17.59
C VAL A 126 9.74 -23.65 -18.13
N GLU A 127 8.54 -24.24 -18.22
CA GLU A 127 8.33 -25.59 -18.73
C GLU A 127 8.01 -25.58 -20.22
N ASP A 128 7.12 -24.67 -20.64
CA ASP A 128 6.72 -24.43 -22.02
C ASP A 128 6.16 -23.00 -22.13
N LYS A 129 5.79 -22.57 -23.36
CA LYS A 129 5.21 -21.25 -23.68
C LYS A 129 4.15 -20.76 -22.67
N TYR A 130 3.29 -21.69 -22.18
CA TYR A 130 2.21 -21.34 -21.24
C TYR A 130 2.30 -22.04 -19.86
N THR A 131 3.51 -22.50 -19.47
CA THR A 131 3.72 -23.19 -18.18
C THR A 131 5.02 -22.74 -17.48
N VAL A 132 4.87 -22.15 -16.27
CA VAL A 132 5.97 -21.62 -15.46
C VAL A 132 5.80 -21.93 -13.95
N THR A 133 6.88 -22.40 -13.31
CA THR A 133 6.92 -22.70 -11.89
C THR A 133 7.62 -21.59 -11.13
N LEU A 134 6.93 -21.01 -10.14
CA LEU A 134 7.49 -19.99 -9.25
C LEU A 134 7.96 -20.71 -7.98
N ARG A 135 9.19 -20.45 -7.56
CA ARG A 135 9.76 -21.16 -6.43
C ARG A 135 10.59 -20.34 -5.46
N THR A 136 10.70 -20.83 -4.21
CA THR A 136 11.53 -20.24 -3.16
C THR A 136 12.70 -21.18 -2.82
N LYS A 137 13.83 -20.60 -2.38
CA LYS A 137 15.03 -21.34 -1.97
C LYS A 137 14.79 -22.07 -0.63
N THR A 138 13.92 -21.50 0.22
CA THR A 138 13.54 -22.04 1.53
C THR A 138 12.01 -22.27 1.53
N PRO A 139 11.44 -23.22 2.32
CA PRO A 139 9.97 -23.42 2.29
C PRO A 139 9.15 -22.14 2.46
N SER A 140 8.14 -21.95 1.61
CA SER A 140 7.27 -20.77 1.67
C SER A 140 5.87 -21.09 1.17
N TYR A 141 4.91 -21.01 2.09
CA TYR A 141 3.49 -21.23 1.78
C TYR A 141 2.84 -19.87 1.45
N LEU A 142 3.68 -18.81 1.31
CA LEU A 142 3.26 -17.44 1.01
C LEU A 142 3.26 -17.11 -0.50
N ILE A 143 3.71 -18.04 -1.35
CA ILE A 143 3.81 -17.89 -2.81
C ILE A 143 2.51 -17.41 -3.44
N GLU A 144 1.42 -18.15 -3.19
CA GLU A 144 0.08 -17.89 -3.71
C GLU A 144 -0.41 -16.47 -3.41
N THR A 145 -0.25 -16.02 -2.15
CA THR A 145 -0.67 -14.67 -1.73
C THR A 145 0.20 -13.55 -2.32
N PHE A 146 1.53 -13.78 -2.44
CA PHE A 146 2.46 -12.84 -3.06
C PHE A 146 2.05 -12.63 -4.53
N VAL A 147 1.71 -13.72 -5.24
CA VAL A 147 1.32 -13.76 -6.66
C VAL A 147 0.02 -12.97 -6.98
N ALA A 148 -0.92 -12.90 -6.02
CA ALA A 148 -2.17 -12.15 -6.15
C ALA A 148 -1.97 -10.66 -5.86
N SER A 149 -0.85 -10.29 -5.21
CA SER A 149 -0.51 -8.93 -4.78
C SER A 149 0.05 -7.95 -5.83
N TRP A 150 0.19 -6.67 -5.40
CA TRP A 150 0.74 -5.51 -6.12
C TRP A 150 2.25 -5.64 -6.44
N MET A 151 2.90 -6.69 -5.93
CA MET A 151 4.30 -7.00 -6.16
C MET A 151 4.48 -7.86 -7.42
N SER A 152 3.37 -8.47 -7.87
CA SER A 152 3.28 -9.47 -8.91
C SER A 152 2.61 -9.14 -10.26
N ARG A 153 2.47 -7.85 -10.60
CA ARG A 153 1.91 -7.46 -11.90
C ARG A 153 2.91 -7.80 -13.00
N ILE A 154 2.44 -8.53 -14.05
CA ILE A 154 3.25 -9.05 -15.16
C ILE A 154 3.67 -8.02 -16.22
N VAL A 155 5.00 -7.83 -16.35
CA VAL A 155 5.68 -6.91 -17.27
C VAL A 155 6.19 -7.66 -18.52
N PRO A 156 6.23 -7.04 -19.74
CA PRO A 156 6.79 -7.76 -20.90
C PRO A 156 8.31 -7.82 -20.85
N LYS A 157 8.90 -9.02 -20.97
CA LYS A 157 10.36 -9.19 -20.88
C LYS A 157 11.16 -8.34 -21.87
N GLU A 158 10.89 -8.47 -23.18
CA GLU A 158 11.63 -7.76 -24.22
C GLU A 158 11.51 -6.24 -24.20
N TYR A 159 10.28 -5.71 -24.07
CA TYR A 159 10.00 -4.27 -24.01
C TYR A 159 10.67 -3.62 -22.78
N TYR A 160 10.49 -4.23 -21.60
CA TYR A 160 11.08 -3.82 -20.31
C TYR A 160 12.61 -3.84 -20.38
N LYS A 161 13.21 -4.91 -20.95
CA LYS A 161 14.67 -5.06 -21.08
C LYS A 161 15.29 -4.03 -22.02
N LYS A 162 14.61 -3.73 -23.14
CA LYS A 162 15.06 -2.76 -24.14
C LYS A 162 15.05 -1.35 -23.56
N LEU A 163 13.99 -1.00 -22.80
CA LEU A 163 13.79 0.32 -22.19
C LEU A 163 14.59 0.53 -20.93
N GLY A 164 14.57 -0.46 -20.05
CA GLY A 164 15.16 -0.36 -18.72
C GLY A 164 14.09 0.09 -17.76
N ALA A 165 14.19 -0.31 -16.48
CA ALA A 165 13.23 -0.04 -15.41
C ALA A 165 12.67 1.40 -15.34
N VAL A 166 13.56 2.41 -15.38
CA VAL A 166 13.26 3.85 -15.29
C VAL A 166 12.40 4.32 -16.49
N ASP A 167 12.86 4.05 -17.73
CA ASP A 167 12.17 4.41 -18.97
C ASP A 167 10.84 3.70 -19.13
N PHE A 168 10.75 2.45 -18.61
CA PHE A 168 9.54 1.65 -18.62
C PHE A 168 8.47 2.31 -17.75
N GLY A 169 8.87 2.83 -16.59
CA GLY A 169 7.97 3.50 -15.65
C GLY A 169 7.41 4.81 -16.17
N ASN A 170 8.01 5.33 -17.26
CA ASN A 170 7.64 6.57 -17.94
C ASN A 170 6.79 6.26 -19.18
N LYS A 171 6.87 5.02 -19.68
CA LYS A 171 6.15 4.55 -20.87
C LYS A 171 5.76 3.08 -20.68
N PRO A 172 4.81 2.73 -19.76
CA PRO A 172 4.51 1.31 -19.52
C PRO A 172 3.68 0.59 -20.58
N VAL A 173 3.92 -0.72 -20.69
CA VAL A 173 3.22 -1.66 -21.56
C VAL A 173 2.89 -2.89 -20.69
N GLY A 174 1.59 -3.24 -20.63
CA GLY A 174 1.11 -4.39 -19.87
C GLY A 174 0.06 -5.14 -20.65
N THR A 175 -0.68 -6.06 -19.98
CA THR A 175 -1.77 -6.85 -20.60
C THR A 175 -3.17 -6.35 -20.14
N GLY A 176 -3.18 -5.40 -19.20
CA GLY A 176 -4.38 -4.84 -18.56
C GLY A 176 -5.47 -4.25 -19.41
N PRO A 177 -6.64 -3.94 -18.78
CA PRO A 177 -7.80 -3.40 -19.54
C PRO A 177 -7.64 -2.01 -20.14
N TYR A 178 -6.68 -1.23 -19.63
CA TYR A 178 -6.39 0.13 -20.09
C TYR A 178 -4.95 0.29 -20.46
N LYS A 179 -4.69 0.90 -21.63
CA LYS A 179 -3.32 1.13 -22.07
C LYS A 179 -2.81 2.55 -21.86
N PHE A 180 -1.50 2.68 -21.63
CA PHE A 180 -0.84 3.96 -21.38
C PHE A 180 -0.93 4.96 -22.55
N VAL A 181 -1.23 6.22 -22.21
CA VAL A 181 -1.31 7.30 -23.19
C VAL A 181 -0.30 8.40 -22.86
N GLU A 182 -0.36 8.93 -21.63
CA GLU A 182 0.45 10.07 -21.22
C GLU A 182 0.71 10.07 -19.71
N PHE A 183 1.89 10.60 -19.31
CA PHE A 183 2.31 10.79 -17.93
C PHE A 183 2.99 12.15 -17.83
N VAL A 184 2.29 13.13 -17.25
CA VAL A 184 2.82 14.48 -17.03
C VAL A 184 3.06 14.53 -15.54
N ALA A 185 4.33 14.40 -15.11
CA ALA A 185 4.74 14.36 -13.71
C ALA A 185 4.24 15.55 -12.89
N GLY A 186 3.59 15.26 -11.77
CA GLY A 186 3.00 16.26 -10.89
C GLY A 186 1.76 16.91 -11.47
N ASP A 187 1.14 16.27 -12.49
CA ASP A 187 -0.06 16.77 -13.14
C ASP A 187 -1.11 15.68 -13.44
N ARG A 188 -0.84 14.81 -14.43
CA ARG A 188 -1.80 13.79 -14.84
C ARG A 188 -1.21 12.55 -15.50
N VAL A 189 -2.01 11.48 -15.49
CA VAL A 189 -1.79 10.20 -16.16
C VAL A 189 -3.09 9.97 -16.95
N VAL A 190 -2.96 9.78 -18.27
CA VAL A 190 -4.07 9.51 -19.17
C VAL A 190 -3.89 8.09 -19.71
N LEU A 191 -4.94 7.27 -19.57
CA LEU A 191 -5.00 5.90 -20.07
C LEU A 191 -6.16 5.81 -21.07
N GLU A 192 -6.11 4.83 -21.98
CA GLU A 192 -7.15 4.58 -22.96
C GLU A 192 -7.57 3.12 -22.94
N ALA A 193 -8.79 2.83 -23.41
CA ALA A 193 -9.37 1.50 -23.47
C ALA A 193 -8.53 0.52 -24.30
N ASN A 194 -8.32 -0.69 -23.77
CA ASN A 194 -7.60 -1.74 -24.46
C ASN A 194 -8.69 -2.72 -24.91
N ASP A 195 -9.16 -2.54 -26.16
CA ASP A 195 -10.23 -3.34 -26.75
C ASP A 195 -9.84 -4.77 -27.19
N ALA A 196 -8.56 -5.12 -27.05
CA ALA A 196 -8.06 -6.47 -27.34
C ALA A 196 -7.83 -7.19 -26.00
N TYR A 197 -8.40 -6.65 -24.90
CA TYR A 197 -8.26 -7.19 -23.54
C TYR A 197 -8.91 -8.57 -23.37
N TRP A 198 -8.19 -9.51 -22.75
CA TRP A 198 -8.74 -10.82 -22.41
C TRP A 198 -9.63 -10.52 -21.21
N GLY A 199 -10.74 -11.19 -21.02
CA GLY A 199 -11.53 -10.88 -19.83
C GLY A 199 -12.43 -9.64 -19.92
N PRO A 200 -12.91 -9.13 -18.75
CA PRO A 200 -13.88 -8.00 -18.75
C PRO A 200 -13.46 -6.74 -19.48
N LYS A 201 -14.19 -6.41 -20.54
CA LYS A 201 -13.92 -5.29 -21.43
C LYS A 201 -13.98 -3.89 -20.84
N PRO A 202 -13.05 -2.99 -21.26
CA PRO A 202 -13.09 -1.60 -20.76
C PRO A 202 -14.42 -0.94 -21.10
N THR A 203 -15.06 -0.31 -20.11
CA THR A 203 -16.34 0.37 -20.28
C THR A 203 -16.18 1.87 -20.49
N ALA A 204 -14.95 2.37 -20.26
CA ALA A 204 -14.57 3.77 -20.45
C ALA A 204 -13.63 3.84 -21.65
N SER A 205 -13.78 4.88 -22.48
CA SER A 205 -12.92 5.07 -23.65
C SER A 205 -11.52 5.53 -23.23
N LYS A 206 -11.46 6.37 -22.18
CA LYS A 206 -10.26 6.95 -21.59
C LYS A 206 -10.41 7.11 -20.08
N ILE A 207 -9.27 7.15 -19.36
CA ILE A 207 -9.22 7.41 -17.91
C ILE A 207 -8.10 8.42 -17.67
N THR A 208 -8.44 9.57 -17.04
CA THR A 208 -7.50 10.62 -16.67
C THR A 208 -7.41 10.69 -15.14
N TYR A 209 -6.19 10.66 -14.60
CA TYR A 209 -5.92 10.78 -13.17
C TYR A 209 -5.33 12.17 -13.00
N GLN A 210 -6.20 13.16 -12.68
CA GLN A 210 -5.80 14.55 -12.52
C GLN A 210 -5.50 14.88 -11.07
N ILE A 211 -4.28 15.36 -10.82
CA ILE A 211 -3.81 15.74 -9.50
C ILE A 211 -4.52 17.01 -9.01
N VAL A 212 -5.24 16.90 -7.89
CA VAL A 212 -5.91 18.01 -7.22
C VAL A 212 -5.51 17.88 -5.76
N ALA A 213 -4.29 18.35 -5.43
CA ALA A 213 -3.67 18.29 -4.10
C ALA A 213 -4.58 18.76 -2.95
N GLU A 214 -5.33 19.86 -3.17
CA GLU A 214 -6.25 20.38 -2.17
C GLU A 214 -7.64 19.70 -2.24
N PRO A 215 -8.05 18.97 -1.17
CA PRO A 215 -9.36 18.26 -1.21
C PRO A 215 -10.61 19.11 -1.45
N ALA A 216 -10.60 20.40 -1.07
CA ALA A 216 -11.72 21.32 -1.24
C ALA A 216 -11.87 21.68 -2.70
N THR A 217 -10.72 21.82 -3.41
CA THR A 217 -10.65 22.11 -4.85
C THR A 217 -11.16 20.88 -5.61
N ARG A 218 -10.95 19.67 -5.04
CA ARG A 218 -11.38 18.36 -5.54
C ARG A 218 -12.91 18.25 -5.40
N VAL A 219 -13.47 18.59 -4.20
CA VAL A 219 -14.91 18.60 -3.91
C VAL A 219 -15.64 19.62 -4.80
N ALA A 220 -15.06 20.84 -4.96
CA ALA A 220 -15.63 21.90 -5.82
C ALA A 220 -15.58 21.50 -7.29
N GLY A 221 -14.55 20.75 -7.65
CA GLY A 221 -14.35 20.19 -8.99
C GLY A 221 -15.42 19.18 -9.33
N LEU A 222 -15.85 18.35 -8.34
CA LEU A 222 -16.93 17.38 -8.55
C LEU A 222 -18.31 18.07 -8.65
N ILE A 223 -18.60 19.06 -7.77
CA ILE A 223 -19.88 19.79 -7.73
C ILE A 223 -20.15 20.61 -9.03
N SER A 224 -19.08 21.00 -9.75
CA SER A 224 -19.16 21.81 -10.97
C SER A 224 -19.78 21.21 -12.26
N GLY A 225 -19.32 20.07 -12.80
CA GLY A 225 -18.26 19.20 -12.32
C GLY A 225 -17.24 18.81 -13.37
N GLU A 226 -15.96 18.97 -13.01
CA GLU A 226 -14.80 18.64 -13.83
C GLU A 226 -14.44 17.15 -13.71
N TYR A 227 -15.00 16.47 -12.68
CA TYR A 227 -14.69 15.07 -12.38
C TYR A 227 -15.91 14.16 -12.25
N ASP A 228 -15.70 12.85 -12.51
CA ASP A 228 -16.72 11.80 -12.40
C ASP A 228 -16.64 11.15 -11.03
N ILE A 229 -15.41 10.93 -10.53
CA ILE A 229 -15.10 10.35 -9.22
C ILE A 229 -13.90 11.12 -8.64
N ILE A 230 -13.97 11.45 -7.33
CA ILE A 230 -12.86 12.09 -6.60
C ILE A 230 -12.42 11.21 -5.46
N THR A 231 -11.10 11.17 -5.19
CA THR A 231 -10.49 10.33 -4.15
C THR A 231 -10.09 11.10 -2.88
N THR A 232 -9.55 10.35 -1.89
CA THR A 232 -8.92 10.78 -0.63
C THR A 232 -9.67 11.83 0.21
N LEU A 233 -10.96 11.58 0.48
CA LEU A 233 -11.75 12.53 1.27
C LEU A 233 -11.87 12.10 2.73
N THR A 234 -12.44 12.98 3.56
CA THR A 234 -12.66 12.74 4.98
C THR A 234 -14.17 12.59 5.25
N PRO A 235 -14.61 11.84 6.30
CA PRO A 235 -16.05 11.72 6.58
C PRO A 235 -16.77 13.06 6.84
N ASP A 236 -15.99 14.16 6.98
CA ASP A 236 -16.48 15.53 7.15
C ASP A 236 -17.10 16.05 5.84
N ASP A 237 -16.66 15.51 4.69
CA ASP A 237 -17.12 15.89 3.35
C ASP A 237 -18.47 15.22 2.98
N ILE A 238 -18.80 14.08 3.64
CA ILE A 238 -19.99 13.24 3.43
C ILE A 238 -21.31 13.99 3.39
N GLN A 239 -21.63 14.75 4.45
CA GLN A 239 -22.87 15.52 4.57
C GLN A 239 -23.07 16.55 3.43
N LEU A 240 -21.97 17.18 2.96
CA LEU A 240 -22.02 18.17 1.87
C LEU A 240 -22.19 17.55 0.49
N ILE A 241 -21.42 16.50 0.14
CA ILE A 241 -21.53 15.83 -1.17
C ILE A 241 -22.94 15.22 -1.40
N ASN A 242 -23.46 14.55 -0.34
CA ASN A 242 -24.76 13.90 -0.34
C ASN A 242 -25.95 14.89 -0.29
N SER A 243 -25.67 16.22 -0.19
CA SER A 243 -26.67 17.30 -0.19
C SER A 243 -27.08 17.62 -1.65
N TYR A 244 -26.40 16.98 -2.62
CA TYR A 244 -26.62 17.10 -4.05
C TYR A 244 -27.25 15.80 -4.55
N PRO A 245 -28.46 15.86 -5.18
CA PRO A 245 -29.12 14.61 -5.65
C PRO A 245 -28.44 13.89 -6.82
N ASP A 246 -27.46 14.53 -7.49
CA ASP A 246 -26.69 13.96 -8.60
C ASP A 246 -25.34 13.37 -8.16
N LEU A 247 -24.93 13.65 -6.91
CA LEU A 247 -23.66 13.18 -6.34
C LEU A 247 -23.88 12.36 -5.08
N GLU A 248 -22.89 11.54 -4.71
CA GLU A 248 -22.89 10.72 -3.50
C GLU A 248 -21.49 10.28 -3.10
N THR A 249 -21.29 9.95 -1.81
CA THR A 249 -20.03 9.42 -1.32
C THR A 249 -20.08 7.90 -1.36
N ARG A 250 -18.90 7.30 -1.50
CA ARG A 250 -18.70 5.86 -1.51
C ARG A 250 -17.44 5.62 -0.69
N GLY A 251 -17.65 5.11 0.50
CA GLY A 251 -16.59 4.86 1.46
C GLY A 251 -16.46 3.40 1.87
N THR A 252 -15.28 3.05 2.37
CA THR A 252 -14.94 1.69 2.82
C THR A 252 -13.71 1.75 3.72
N LEU A 253 -13.67 0.89 4.73
CA LEU A 253 -12.47 0.74 5.55
C LEU A 253 -11.51 -0.02 4.64
N ILE A 254 -10.26 0.45 4.54
CA ILE A 254 -9.29 -0.22 3.68
C ILE A 254 -8.24 -1.03 4.46
N GLU A 255 -7.70 -2.08 3.83
CA GLU A 255 -6.67 -2.93 4.42
C GLU A 255 -5.32 -2.19 4.35
N ASN A 256 -5.25 -1.08 5.08
CA ASN A 256 -4.10 -0.18 5.21
C ASN A 256 -4.19 0.54 6.57
N PHE A 257 -3.05 0.96 7.11
CA PHE A 257 -3.02 1.71 8.35
C PHE A 257 -2.20 2.98 8.23
N HIS A 258 -2.71 4.08 8.80
CA HIS A 258 -1.99 5.36 8.85
C HIS A 258 -1.07 5.31 10.07
N MET A 259 0.12 5.89 9.93
CA MET A 259 1.10 5.90 11.00
C MET A 259 2.03 7.10 10.90
N PHE A 260 2.77 7.36 12.00
CA PHE A 260 3.87 8.29 12.03
C PHE A 260 5.08 7.44 12.42
N THR A 261 6.22 7.76 11.83
CA THR A 261 7.47 7.03 12.05
C THR A 261 8.62 7.99 12.37
N PHE A 262 9.80 7.45 12.64
CA PHE A 262 10.96 8.25 13.04
C PHE A 262 12.18 7.92 12.22
N ASN A 263 13.13 8.88 12.17
CA ASN A 263 14.45 8.69 11.59
C ASN A 263 15.29 8.40 12.82
N MET A 264 15.56 7.12 13.06
CA MET A 264 16.31 6.64 14.23
C MET A 264 17.83 6.76 14.09
N ASN A 265 18.28 7.42 13.01
CA ASN A 265 19.67 7.75 12.73
C ASN A 265 20.01 9.00 13.56
N GLN A 266 18.98 9.85 13.81
CA GLN A 266 19.04 11.09 14.59
C GLN A 266 19.18 10.74 16.07
N GLU A 267 20.16 11.36 16.76
CA GLU A 267 20.50 11.17 18.18
C GLU A 267 19.28 11.12 19.14
N VAL A 268 18.29 12.00 18.93
CA VAL A 268 17.08 12.08 19.75
C VAL A 268 16.18 10.84 19.65
N PHE A 269 16.20 10.15 18.49
CA PHE A 269 15.40 8.95 18.24
C PHE A 269 16.19 7.64 18.22
N LYS A 270 17.41 7.67 18.76
CA LYS A 270 18.28 6.49 18.87
C LYS A 270 17.73 5.54 19.93
N ASP A 271 17.22 6.10 21.06
CA ASP A 271 16.63 5.30 22.14
C ASP A 271 15.11 5.30 22.06
N LYS A 272 14.52 4.14 22.39
CA LYS A 272 13.08 3.87 22.37
C LYS A 272 12.24 4.80 23.27
N LYS A 273 12.85 5.31 24.38
CA LYS A 273 12.24 6.19 25.38
C LYS A 273 11.37 7.33 24.85
N LEU A 274 11.91 8.19 23.96
CA LEU A 274 11.12 9.30 23.40
C LEU A 274 10.06 8.83 22.40
N ARG A 275 10.38 7.81 21.60
CA ARG A 275 9.47 7.21 20.61
C ARG A 275 8.25 6.57 21.31
N ARG A 276 8.48 5.88 22.44
CA ARG A 276 7.47 5.22 23.29
C ARG A 276 6.61 6.28 24.00
N ALA A 277 7.25 7.38 24.47
CA ALA A 277 6.61 8.52 25.12
C ALA A 277 5.62 9.20 24.19
N LEU A 278 6.02 9.40 22.90
CA LEU A 278 5.18 10.01 21.87
C LEU A 278 3.99 9.12 21.51
N ALA A 279 4.21 7.80 21.51
CA ALA A 279 3.21 6.76 21.24
C ALA A 279 2.16 6.71 22.37
N LEU A 280 2.61 6.72 23.65
CA LEU A 280 1.75 6.67 24.86
C LEU A 280 0.87 7.92 25.08
N ALA A 281 1.19 9.05 24.41
CA ALA A 281 0.44 10.32 24.50
C ALA A 281 -0.59 10.49 23.35
N VAL A 282 -0.59 9.58 22.36
CA VAL A 282 -1.54 9.64 21.23
C VAL A 282 -2.93 9.11 21.60
N ASN A 283 -3.88 10.03 21.83
CA ASN A 283 -5.27 9.72 22.14
C ASN A 283 -6.01 9.48 20.82
N ARG A 284 -5.98 8.22 20.36
CA ARG A 284 -6.62 7.72 19.15
C ARG A 284 -8.15 7.77 19.21
N PRO A 285 -8.83 7.44 20.35
CA PRO A 285 -10.29 7.53 20.37
C PRO A 285 -10.87 8.94 20.10
N ILE A 286 -10.21 10.02 20.59
CA ILE A 286 -10.71 11.38 20.31
C ILE A 286 -10.42 11.81 18.87
N MET A 287 -9.26 11.40 18.34
CA MET A 287 -8.81 11.67 16.96
C MET A 287 -9.84 11.09 15.97
N VAL A 288 -10.33 9.86 16.26
CA VAL A 288 -11.33 9.14 15.47
C VAL A 288 -12.72 9.82 15.56
N GLU A 289 -13.05 10.43 16.70
CA GLU A 289 -14.29 11.18 16.89
C GLU A 289 -14.27 12.49 16.11
N ALA A 290 -13.24 13.32 16.35
CA ALA A 290 -13.05 14.65 15.77
C ALA A 290 -12.87 14.69 14.25
N LEU A 291 -11.98 13.83 13.72
CA LEU A 291 -11.62 13.85 12.30
C LEU A 291 -12.27 12.82 11.44
N TRP A 292 -12.66 11.68 12.03
CA TRP A 292 -13.20 10.56 11.26
C TRP A 292 -14.67 10.24 11.47
N LYS A 293 -15.38 11.01 12.32
CA LYS A 293 -16.79 10.80 12.66
C LYS A 293 -17.12 9.33 13.01
N LYS A 294 -16.19 8.66 13.77
CA LYS A 294 -16.23 7.27 14.24
C LYS A 294 -15.95 6.22 13.15
N GLN A 295 -15.69 6.65 11.90
CA GLN A 295 -15.49 5.75 10.75
C GLN A 295 -14.19 4.97 10.67
N ALA A 296 -13.07 5.53 11.16
CA ALA A 296 -11.77 4.86 11.18
C ALA A 296 -11.74 3.79 12.28
N SER A 297 -10.87 2.79 12.12
CA SER A 297 -10.73 1.67 13.04
C SER A 297 -9.34 1.68 13.72
N ILE A 298 -9.29 1.51 15.05
CA ILE A 298 -8.03 1.46 15.81
C ILE A 298 -7.64 -0.02 16.03
N PRO A 299 -6.57 -0.53 15.36
CA PRO A 299 -6.20 -1.95 15.56
C PRO A 299 -5.48 -2.21 16.87
N ALA A 300 -5.55 -3.44 17.38
CA ALA A 300 -4.85 -3.83 18.61
C ALA A 300 -3.41 -4.24 18.22
N GLY A 301 -2.58 -3.24 17.95
CA GLY A 301 -1.20 -3.40 17.51
C GLY A 301 -1.09 -3.67 16.02
N PHE A 302 0.06 -4.25 15.58
CA PHE A 302 0.32 -4.64 14.19
C PHE A 302 -0.50 -5.91 13.87
N ASN A 303 -1.83 -5.83 14.10
CA ASN A 303 -2.77 -6.93 13.98
C ASN A 303 -4.01 -6.53 13.17
N PHE A 304 -4.24 -7.22 12.03
CA PHE A 304 -5.35 -6.94 11.10
C PHE A 304 -6.11 -8.21 10.70
N PRO A 305 -7.48 -8.14 10.55
CA PRO A 305 -8.25 -9.34 10.17
C PRO A 305 -7.84 -10.04 8.86
N ASN A 306 -7.30 -9.30 7.88
CA ASN A 306 -6.88 -9.85 6.57
C ASN A 306 -5.76 -10.91 6.71
N TYR A 307 -5.09 -10.94 7.89
CA TYR A 307 -4.03 -11.89 8.26
C TYR A 307 -4.59 -13.33 8.37
N GLY A 308 -5.92 -13.45 8.45
CA GLY A 308 -6.62 -14.73 8.56
C GLY A 308 -6.22 -15.48 9.79
N GLU A 309 -5.58 -16.67 9.62
CA GLU A 309 -5.07 -17.56 10.67
C GLU A 309 -4.02 -16.92 11.58
N THR A 310 -3.40 -15.81 11.12
CA THR A 310 -2.35 -15.08 11.83
C THR A 310 -2.85 -13.75 12.43
N PHE A 311 -4.16 -13.56 12.46
CA PHE A 311 -4.77 -12.40 13.10
C PHE A 311 -5.10 -12.85 14.51
N ASP A 312 -4.91 -11.96 15.51
CA ASP A 312 -5.25 -12.23 16.91
C ASP A 312 -6.50 -11.43 17.37
N PRO A 313 -7.70 -12.04 17.24
CA PRO A 313 -8.94 -11.36 17.67
C PRO A 313 -9.06 -11.11 19.17
N LYS A 314 -8.32 -11.86 20.00
CA LYS A 314 -8.34 -11.74 21.46
C LYS A 314 -7.28 -10.75 21.99
N ARG A 315 -6.49 -10.13 21.08
CA ARG A 315 -5.41 -9.18 21.40
C ARG A 315 -5.93 -7.87 22.01
N LYS A 316 -5.30 -7.44 23.13
CA LYS A 316 -5.58 -6.20 23.87
C LYS A 316 -5.22 -4.98 23.03
N ALA A 317 -5.94 -3.86 23.28
CA ALA A 317 -5.70 -2.58 22.60
C ALA A 317 -4.31 -2.00 22.92
N MET A 318 -3.81 -1.08 22.07
CA MET A 318 -2.54 -0.39 22.30
C MET A 318 -2.69 0.54 23.52
N GLU A 319 -1.63 0.59 24.34
CA GLU A 319 -1.58 1.37 25.57
C GLU A 319 -1.59 2.88 25.33
N TYR A 320 -2.44 3.57 26.10
CA TYR A 320 -2.57 5.02 26.14
C TYR A 320 -2.35 5.39 27.60
N ASN A 321 -1.28 6.15 27.87
CA ASN A 321 -0.88 6.56 29.21
C ASN A 321 -0.12 7.88 29.17
N VAL A 322 -0.81 8.96 29.56
CA VAL A 322 -0.31 10.34 29.62
C VAL A 322 0.79 10.51 30.69
N GLU A 323 0.57 9.96 31.90
CA GLU A 323 1.53 10.05 33.02
C GLU A 323 2.83 9.30 32.77
N GLU A 324 2.78 8.18 32.02
CA GLU A 324 3.95 7.38 31.64
C GLU A 324 4.73 8.11 30.56
N ALA A 325 4.03 8.76 29.62
CA ALA A 325 4.62 9.57 28.55
C ALA A 325 5.42 10.72 29.19
N LYS A 326 4.80 11.45 30.17
CA LYS A 326 5.42 12.54 30.93
C LYS A 326 6.70 12.04 31.60
N ARG A 327 6.60 10.89 32.30
CA ARG A 327 7.70 10.23 32.99
C ARG A 327 8.84 9.80 32.04
N LEU A 328 8.51 9.35 30.81
CA LEU A 328 9.50 8.92 29.83
C LEU A 328 10.27 10.06 29.18
N VAL A 329 9.59 11.21 28.88
CA VAL A 329 10.19 12.42 28.31
C VAL A 329 11.20 12.97 29.31
N LYS A 330 10.88 12.85 30.61
CA LYS A 330 11.71 13.27 31.74
C LYS A 330 13.03 12.50 31.80
N GLU A 331 12.97 11.15 31.76
CA GLU A 331 14.18 10.33 31.81
C GLU A 331 15.02 10.31 30.53
N SER A 332 14.39 10.67 29.39
CA SER A 332 15.03 10.75 28.07
C SER A 332 16.01 11.95 27.96
N GLY A 333 16.87 11.91 26.95
CA GLY A 333 17.86 12.97 26.71
C GLY A 333 17.29 14.29 26.23
N TYR A 334 16.02 14.27 25.74
CA TYR A 334 15.25 15.41 25.21
C TYR A 334 15.38 16.68 26.05
N ASP A 335 15.90 17.75 25.43
CA ASP A 335 16.17 19.04 26.07
C ASP A 335 14.95 19.98 26.10
N GLY A 336 14.31 20.12 24.95
CA GLY A 336 13.16 20.98 24.75
C GLY A 336 13.10 21.52 23.33
N THR A 337 14.17 21.23 22.55
CA THR A 337 14.35 21.61 21.14
C THR A 337 13.17 21.13 20.29
N PRO A 338 12.53 22.01 19.49
CA PRO A 338 11.40 21.55 18.65
C PRO A 338 11.84 20.49 17.63
N ILE A 339 11.02 19.42 17.50
CA ILE A 339 11.23 18.30 16.58
C ILE A 339 10.33 18.49 15.35
N THR A 340 10.89 18.36 14.14
CA THR A 340 10.11 18.49 12.91
C THR A 340 9.32 17.21 12.63
N TYR A 341 8.16 17.37 11.96
CA TYR A 341 7.26 16.32 11.51
C TYR A 341 6.90 16.64 10.05
N HIS A 342 7.53 15.93 9.10
CA HIS A 342 7.30 16.14 7.67
C HIS A 342 6.02 15.54 7.14
N THR A 343 5.16 16.39 6.54
CA THR A 343 3.89 15.99 5.92
C THR A 343 3.75 16.53 4.49
N MET A 344 3.22 15.71 3.57
CA MET A 344 3.01 16.15 2.20
C MET A 344 1.57 16.67 2.10
N GLY A 345 1.32 17.79 2.77
CA GLY A 345 0.00 18.41 2.85
C GLY A 345 -1.06 17.39 3.26
N ASN A 346 -2.06 17.20 2.40
CA ASN A 346 -3.13 16.23 2.63
C ASN A 346 -3.10 14.99 1.71
N TYR A 347 -1.88 14.44 1.44
CA TYR A 347 -1.64 13.22 0.66
C TYR A 347 -2.37 12.07 1.36
N TYR A 348 -2.33 12.08 2.71
CA TYR A 348 -3.09 11.15 3.56
C TYR A 348 -4.27 11.97 4.03
N ALA A 349 -5.47 11.38 3.97
CA ALA A 349 -6.69 12.03 4.44
C ALA A 349 -6.51 12.29 5.95
N ASN A 350 -6.79 13.55 6.37
CA ASN A 350 -6.67 14.03 7.75
C ASN A 350 -5.23 14.15 8.26
N ALA A 351 -4.21 14.09 7.35
CA ALA A 351 -2.78 14.22 7.69
C ALA A 351 -2.47 15.44 8.55
N MET A 352 -2.89 16.64 8.09
CA MET A 352 -2.67 17.91 8.79
C MET A 352 -3.55 18.10 10.03
N PRO A 353 -4.91 17.88 10.01
CA PRO A 353 -5.69 18.00 11.25
C PRO A 353 -5.26 17.02 12.35
N ALA A 354 -4.82 15.80 11.98
CA ALA A 354 -4.33 14.77 12.91
C ALA A 354 -3.08 15.21 13.66
N LEU A 355 -2.10 15.76 12.90
CA LEU A 355 -0.84 16.26 13.44
C LEU A 355 -1.07 17.47 14.34
N MET A 356 -1.99 18.35 13.96
CA MET A 356 -2.40 19.53 14.71
C MET A 356 -2.85 19.15 16.12
N MET A 357 -3.65 18.07 16.23
CA MET A 357 -4.17 17.51 17.47
C MET A 357 -3.03 16.91 18.31
N MET A 358 -2.15 16.13 17.66
CA MET A 358 -1.00 15.47 18.27
C MET A 358 0.04 16.43 18.79
N ILE A 359 0.30 17.55 18.07
CA ILE A 359 1.24 18.62 18.50
C ILE A 359 0.79 19.14 19.87
N GLU A 360 -0.53 19.34 20.01
CA GLU A 360 -1.13 19.78 21.25
C GLU A 360 -1.07 18.70 22.33
N MET A 361 -1.29 17.40 21.97
CA MET A 361 -1.19 16.24 22.88
C MET A 361 0.22 16.11 23.46
N TRP A 362 1.23 16.35 22.60
CA TRP A 362 2.67 16.27 22.91
C TRP A 362 3.19 17.48 23.68
N LYS A 363 2.65 18.67 23.43
CA LYS A 363 2.98 19.92 24.14
C LYS A 363 2.57 19.74 25.61
N GLN A 364 1.47 18.98 25.85
CA GLN A 364 0.92 18.67 27.16
C GLN A 364 1.74 17.62 27.95
N ILE A 365 2.65 16.89 27.27
CA ILE A 365 3.55 15.90 27.89
C ILE A 365 4.99 16.43 28.01
N GLY A 366 5.33 17.46 27.23
CA GLY A 366 6.64 18.09 27.27
C GLY A 366 7.45 18.11 25.97
N VAL A 367 6.92 17.51 24.89
CA VAL A 367 7.63 17.49 23.62
C VAL A 367 7.09 18.62 22.71
N ASN A 368 8.00 19.36 22.08
CA ASN A 368 7.64 20.43 21.16
C ASN A 368 7.78 19.90 19.74
N VAL A 369 6.66 19.76 19.03
CA VAL A 369 6.62 19.24 17.66
C VAL A 369 6.13 20.33 16.70
N VAL A 370 6.88 20.54 15.61
CA VAL A 370 6.66 21.55 14.57
C VAL A 370 6.35 20.87 13.23
N MET A 371 5.37 21.40 12.47
CA MET A 371 5.01 20.86 11.16
C MET A 371 5.89 21.47 10.07
N LYS A 372 6.42 20.60 9.20
CA LYS A 372 7.21 21.00 8.05
C LYS A 372 6.59 20.33 6.82
N THR A 373 6.01 21.13 5.92
CA THR A 373 5.40 20.59 4.70
C THR A 373 6.40 20.44 3.58
N TYR A 374 6.13 19.49 2.67
CA TYR A 374 6.96 19.26 1.49
C TYR A 374 6.10 18.92 0.28
N ALA A 375 6.63 19.17 -0.92
CA ALA A 375 5.92 18.94 -2.18
C ALA A 375 6.32 17.58 -2.80
N PRO A 376 5.43 16.95 -3.63
CA PRO A 376 5.78 15.67 -4.26
C PRO A 376 7.06 15.72 -5.08
N GLY A 377 8.04 14.91 -4.69
CA GLY A 377 9.35 14.88 -5.33
C GLY A 377 10.38 15.79 -4.67
N SER A 378 9.92 16.63 -3.70
CA SER A 378 10.78 17.54 -2.95
C SER A 378 10.90 17.14 -1.46
N PHE A 379 10.86 15.80 -1.19
CA PHE A 379 11.05 15.25 0.15
C PHE A 379 12.54 15.47 0.47
N PRO A 380 12.87 16.11 1.63
CA PRO A 380 14.28 16.38 1.93
C PRO A 380 15.14 15.14 2.18
N PRO A 381 16.50 15.23 2.17
CA PRO A 381 17.29 14.01 2.46
C PRO A 381 16.95 13.45 3.83
N ASP A 382 17.04 12.11 4.00
CA ASP A 382 16.77 11.39 5.25
C ASP A 382 17.36 12.13 6.45
N ASN A 383 18.58 12.67 6.26
CA ASN A 383 19.40 13.45 7.18
C ASN A 383 18.67 14.68 7.76
N GLN A 384 17.79 15.31 6.97
CA GLN A 384 17.07 16.52 7.38
C GLN A 384 15.68 16.29 8.01
N THR A 385 15.28 15.00 8.13
CA THR A 385 13.98 14.62 8.71
C THR A 385 14.13 13.93 10.08
N TRP A 386 13.19 14.19 10.99
CA TRP A 386 13.09 13.58 12.31
C TRP A 386 11.82 12.73 12.33
N MET A 387 10.65 13.35 12.56
CA MET A 387 9.36 12.64 12.49
C MET A 387 8.73 12.86 11.12
N ARG A 388 7.93 11.90 10.66
CA ARG A 388 7.22 11.97 9.37
C ARG A 388 6.02 11.05 9.39
N ASN A 389 5.02 11.34 8.58
CA ASN A 389 3.87 10.43 8.48
C ASN A 389 4.12 9.42 7.35
N TRP A 390 3.39 8.29 7.39
CA TRP A 390 3.49 7.20 6.42
C TRP A 390 2.22 6.35 6.52
N SER A 391 2.13 5.28 5.74
CA SER A 391 1.04 4.30 5.72
C SER A 391 1.61 2.98 5.24
N ASN A 392 0.93 1.88 5.57
CA ASN A 392 1.33 0.53 5.16
C ASN A 392 0.10 -0.25 4.75
N GLY A 393 0.11 -0.74 3.52
CA GLY A 393 -0.96 -1.56 2.97
C GLY A 393 -0.72 -3.01 3.31
N GLN A 394 -1.73 -3.68 3.90
CA GLN A 394 -1.64 -5.08 4.29
C GLN A 394 -1.98 -5.96 3.08
N TRP A 395 -0.97 -6.11 2.21
CA TRP A 395 -0.99 -6.78 0.90
C TRP A 395 -0.99 -8.30 0.81
N MET A 396 -1.00 -8.99 1.95
CA MET A 396 -1.03 -10.45 2.00
C MET A 396 -2.20 -10.92 2.88
N THR A 397 -2.62 -12.18 2.69
CA THR A 397 -3.65 -12.84 3.51
C THR A 397 -2.91 -13.59 4.65
N ASP A 398 -1.95 -12.88 5.30
CA ASP A 398 -1.06 -13.38 6.34
C ASP A 398 -0.41 -12.19 7.05
N ALA A 399 0.09 -12.40 8.29
CA ALA A 399 0.76 -11.41 9.13
C ALA A 399 2.16 -11.03 8.67
N TYR A 400 2.72 -11.75 7.67
CA TYR A 400 4.07 -11.48 7.14
C TYR A 400 4.21 -10.04 6.65
N ALA A 401 3.20 -9.55 5.90
CA ALA A 401 3.15 -8.18 5.38
C ALA A 401 2.30 -7.30 6.34
N THR A 402 2.80 -6.13 6.77
CA THR A 402 4.05 -5.49 6.35
C THR A 402 5.17 -5.54 7.41
N ILE A 403 4.92 -6.16 8.58
CA ILE A 403 5.89 -6.25 9.67
C ILE A 403 7.27 -6.77 9.22
N VAL A 404 7.31 -7.87 8.44
CA VAL A 404 8.56 -8.44 7.95
C VAL A 404 9.21 -7.62 6.81
N PRO A 405 8.53 -7.31 5.66
CA PRO A 405 9.22 -6.54 4.60
C PRO A 405 9.62 -5.12 4.99
N GLU A 406 8.78 -4.43 5.78
CA GLU A 406 9.03 -3.06 6.22
C GLU A 406 9.89 -2.93 7.46
N PHE A 407 9.57 -3.68 8.53
CA PHE A 407 10.25 -3.60 9.83
C PHE A 407 11.26 -4.72 10.14
N GLY A 408 11.35 -5.72 9.26
CA GLY A 408 12.29 -6.84 9.42
C GLY A 408 13.76 -6.50 9.20
N PRO A 409 14.68 -7.48 9.43
CA PRO A 409 16.13 -7.18 9.29
C PRO A 409 16.63 -6.74 7.90
N ASN A 410 15.83 -6.98 6.85
CA ASN A 410 16.18 -6.63 5.47
C ASN A 410 15.35 -5.47 4.90
N GLY A 411 14.52 -4.87 5.74
CA GLY A 411 13.68 -3.74 5.38
C GLY A 411 14.32 -2.37 5.54
N GLN A 412 13.64 -1.35 5.03
CA GLN A 412 14.06 0.06 5.07
C GLN A 412 14.01 0.72 6.45
N VAL A 413 13.09 0.29 7.36
CA VAL A 413 13.00 0.87 8.72
C VAL A 413 14.31 0.62 9.52
N GLN A 414 14.89 -0.57 9.37
CA GLN A 414 16.16 -0.92 10.01
C GLN A 414 17.36 -0.48 9.19
N LYS A 415 17.42 -0.87 7.90
CA LYS A 415 18.57 -0.60 7.02
C LYS A 415 18.78 0.87 6.60
N ARG A 416 17.68 1.60 6.32
CA ARG A 416 17.73 3.01 5.91
C ARG A 416 17.41 3.98 7.05
N TRP A 417 16.40 3.66 7.87
CA TRP A 417 15.92 4.53 8.94
C TRP A 417 16.53 4.36 10.34
N GLY A 418 17.58 3.54 10.43
CA GLY A 418 18.36 3.33 11.65
C GLY A 418 17.74 2.64 12.84
N TRP A 419 16.63 1.88 12.66
CA TRP A 419 16.05 1.13 13.78
C TRP A 419 16.95 -0.01 14.23
N LYS A 420 17.54 0.13 15.42
CA LYS A 420 18.38 -0.89 16.03
C LYS A 420 17.42 -1.84 16.76
N ALA A 421 16.73 -2.69 15.98
CA ALA A 421 15.74 -3.67 16.46
C ALA A 421 16.41 -4.71 17.36
N PRO A 422 15.73 -5.24 18.42
CA PRO A 422 16.38 -6.26 19.26
C PRO A 422 16.68 -7.51 18.43
N ALA A 423 17.70 -8.27 18.81
CA ALA A 423 18.11 -9.49 18.10
C ALA A 423 16.99 -10.52 18.12
N GLU A 424 16.17 -10.52 19.20
CA GLU A 424 15.02 -11.41 19.38
C GLU A 424 13.96 -11.14 18.30
N PHE A 425 13.71 -9.86 17.97
CA PHE A 425 12.74 -9.44 16.94
C PHE A 425 13.12 -10.01 15.57
N ASN A 426 14.41 -9.88 15.20
CA ASN A 426 14.94 -10.35 13.91
C ASN A 426 14.96 -11.87 13.80
N GLU A 427 15.15 -12.58 14.93
CA GLU A 427 15.13 -14.05 15.01
C GLU A 427 13.71 -14.59 14.74
N LEU A 428 12.67 -13.94 15.33
CA LEU A 428 11.26 -14.28 15.15
C LEU A 428 10.80 -13.99 13.71
N CYS A 429 11.37 -12.94 13.08
CA CYS A 429 11.13 -12.53 11.69
C CYS A 429 11.54 -13.64 10.72
N GLN A 430 12.64 -14.33 11.02
CA GLN A 430 13.17 -15.42 10.21
C GLN A 430 12.33 -16.69 10.41
N LYS A 431 11.87 -16.95 11.66
CA LYS A 431 11.03 -18.11 11.98
C LYS A 431 9.69 -18.08 11.24
N VAL A 432 8.94 -16.97 11.36
CA VAL A 432 7.64 -16.76 10.70
C VAL A 432 7.66 -16.88 9.17
N THR A 433 8.81 -16.56 8.55
CA THR A 433 9.04 -16.63 7.11
C THR A 433 9.03 -18.08 6.60
N VAL A 434 9.63 -19.01 7.37
CA VAL A 434 9.75 -20.44 7.03
C VAL A 434 8.70 -21.35 7.69
N LEU A 435 8.35 -21.08 8.97
CA LEU A 435 7.37 -21.87 9.74
C LEU A 435 5.98 -21.92 9.10
N PRO A 436 5.33 -23.12 9.08
CA PRO A 436 3.94 -23.16 8.59
C PRO A 436 3.00 -22.64 9.67
N ASN A 437 1.70 -22.48 9.39
CA ASN A 437 0.77 -22.00 10.42
C ASN A 437 0.60 -23.01 11.57
N GLY A 438 0.67 -22.50 12.79
CA GLY A 438 0.56 -23.28 14.03
C GLY A 438 0.68 -22.43 15.28
N LYS A 439 0.72 -23.06 16.46
CA LYS A 439 0.84 -22.38 17.78
C LYS A 439 2.15 -21.58 17.88
N GLU A 440 3.27 -22.16 17.41
CA GLU A 440 4.58 -21.54 17.42
C GLU A 440 4.60 -20.25 16.60
N ARG A 441 4.07 -20.28 15.35
CA ARG A 441 4.02 -19.13 14.45
C ARG A 441 3.09 -18.01 14.93
N PHE A 442 1.92 -18.38 15.49
CA PHE A 442 0.92 -17.46 16.05
C PHE A 442 1.51 -16.68 17.23
N ASP A 443 2.20 -17.40 18.15
CA ASP A 443 2.84 -16.82 19.32
C ASP A 443 4.03 -15.95 18.96
N ALA A 444 4.78 -16.34 17.89
CA ALA A 444 5.93 -15.61 17.37
C ALA A 444 5.50 -14.25 16.82
N TYR A 445 4.35 -14.21 16.11
CA TYR A 445 3.79 -12.95 15.60
C TYR A 445 3.35 -12.03 16.74
N ASN A 446 2.70 -12.59 17.78
CA ASN A 446 2.28 -11.83 18.96
C ASN A 446 3.48 -11.28 19.74
N ARG A 447 4.61 -12.01 19.77
CA ARG A 447 5.81 -11.55 20.45
C ARG A 447 6.48 -10.40 19.69
N MET A 448 6.44 -10.43 18.33
CA MET A 448 6.94 -9.38 17.45
C MET A 448 6.09 -8.12 17.63
N ARG A 449 4.77 -8.33 17.79
CA ARG A 449 3.77 -7.28 18.02
C ARG A 449 4.02 -6.57 19.36
N ASP A 450 4.39 -7.34 20.41
CA ASP A 450 4.71 -6.82 21.75
C ASP A 450 6.02 -6.01 21.70
N ILE A 451 7.03 -6.54 20.98
CA ILE A 451 8.33 -5.86 20.76
C ILE A 451 8.10 -4.56 19.96
N PHE A 452 7.26 -4.60 18.89
CA PHE A 452 6.95 -3.42 18.08
C PHE A 452 6.40 -2.26 18.93
N GLU A 453 5.43 -2.53 19.82
CA GLU A 453 4.85 -1.52 20.70
C GLU A 453 5.83 -1.03 21.76
N GLU A 454 6.71 -1.92 22.28
CA GLU A 454 7.71 -1.52 23.28
C GLU A 454 8.85 -0.66 22.68
N GLU A 455 9.30 -1.00 21.45
CA GLU A 455 10.39 -0.32 20.75
C GLU A 455 9.94 0.94 20.01
N ALA A 456 8.65 1.00 19.63
CA ALA A 456 8.02 2.09 18.88
C ALA A 456 8.82 2.59 17.63
N PRO A 457 9.20 1.70 16.66
CA PRO A 457 9.91 2.20 15.46
C PRO A 457 9.00 3.05 14.58
N ALA A 458 7.70 2.84 14.75
CA ALA A 458 6.58 3.52 14.14
C ALA A 458 5.46 3.54 15.16
N VAL A 459 4.45 4.38 14.95
CA VAL A 459 3.30 4.44 15.83
C VAL A 459 2.05 4.37 14.97
N ILE A 460 1.30 3.25 15.09
CA ILE A 460 0.06 2.98 14.36
C ILE A 460 -1.00 3.96 14.84
N LEU A 461 -1.69 4.62 13.89
CA LEU A 461 -2.76 5.57 14.24
C LEU A 461 -4.10 4.88 14.13
N TYR A 462 -4.48 4.49 12.90
CA TYR A 462 -5.76 3.85 12.63
C TYR A 462 -5.78 3.27 11.23
N GLN A 463 -6.81 2.48 10.94
CA GLN A 463 -7.15 1.97 9.62
C GLN A 463 -8.06 3.07 9.07
N PRO A 464 -7.63 3.83 8.03
CA PRO A 464 -8.51 4.90 7.51
C PRO A 464 -9.77 4.37 6.84
N TYR A 465 -10.85 5.16 6.91
CA TYR A 465 -12.08 4.90 6.18
C TYR A 465 -11.88 5.70 4.89
N ASP A 466 -11.62 5.00 3.78
CA ASP A 466 -11.33 5.57 2.47
C ASP A 466 -12.61 6.13 1.88
N VAL A 467 -12.68 7.44 1.73
CA VAL A 467 -13.88 8.09 1.22
C VAL A 467 -13.67 8.61 -0.19
N TYR A 468 -14.53 8.14 -1.11
CA TYR A 468 -14.59 8.58 -2.51
C TYR A 468 -15.92 9.33 -2.65
N ALA A 469 -16.06 10.12 -3.71
CA ALA A 469 -17.30 10.83 -4.03
C ALA A 469 -17.42 10.78 -5.54
N ALA A 470 -18.61 10.42 -6.03
CA ALA A 470 -18.82 10.28 -7.45
C ALA A 470 -20.17 10.79 -7.90
N ARG A 471 -20.30 10.98 -9.21
CA ARG A 471 -21.55 11.36 -9.86
C ARG A 471 -22.39 10.08 -9.83
N LYS A 472 -23.68 10.18 -9.46
CA LYS A 472 -24.59 9.03 -9.39
C LYS A 472 -24.74 8.24 -10.71
N ASP A 473 -24.51 8.90 -11.88
CA ASP A 473 -24.56 8.28 -13.22
C ASP A 473 -23.25 7.54 -13.59
N VAL A 474 -22.31 7.48 -12.64
CA VAL A 474 -21.03 6.78 -12.75
C VAL A 474 -21.13 5.67 -11.68
N HIS A 475 -21.46 4.45 -12.14
CA HIS A 475 -21.65 3.28 -11.27
C HIS A 475 -20.34 2.53 -11.07
N TRP A 476 -19.76 2.73 -9.89
CA TRP A 476 -18.49 2.15 -9.49
C TRP A 476 -18.55 1.93 -7.99
N LYS A 477 -18.03 0.80 -7.52
CA LYS A 477 -17.99 0.45 -6.09
C LYS A 477 -16.55 0.38 -5.58
N PRO A 478 -16.21 1.02 -4.44
CA PRO A 478 -14.83 0.90 -3.93
C PRO A 478 -14.48 -0.50 -3.39
N VAL A 479 -13.18 -0.78 -3.27
CA VAL A 479 -12.69 -2.05 -2.71
C VAL A 479 -11.97 -1.81 -1.39
N SER A 480 -11.79 -2.85 -0.57
CA SER A 480 -11.11 -2.74 0.73
C SER A 480 -9.57 -2.63 0.64
N PHE A 481 -9.05 -2.02 -0.44
CA PHE A 481 -7.61 -1.83 -0.65
C PHE A 481 -7.32 -0.47 -1.28
N GLU A 482 -6.06 0.03 -1.21
CA GLU A 482 -5.60 1.30 -1.80
C GLU A 482 -5.56 1.24 -3.35
N MET A 483 -6.67 0.85 -3.96
CA MET A 483 -6.76 0.73 -5.41
C MET A 483 -8.19 0.92 -5.90
N MET A 484 -8.32 1.18 -7.19
CA MET A 484 -9.61 1.32 -7.83
C MET A 484 -9.73 0.16 -8.80
N GLU A 485 -10.84 -0.59 -8.71
CA GLU A 485 -11.14 -1.71 -9.60
C GLU A 485 -12.24 -1.29 -10.58
N PHE A 486 -11.97 -1.43 -11.88
CA PHE A 486 -12.96 -1.08 -12.91
C PHE A 486 -13.51 -2.30 -13.65
N ARG A 487 -12.84 -3.48 -13.51
CA ARG A 487 -13.24 -4.76 -14.14
C ARG A 487 -14.59 -5.20 -13.57
N ASN A 488 -15.64 -5.22 -14.43
CA ASN A 488 -17.04 -5.52 -14.10
C ASN A 488 -17.55 -4.60 -12.95
N ASN A 489 -17.04 -3.35 -12.92
CA ASN A 489 -17.32 -2.38 -11.85
C ASN A 489 -17.23 -0.94 -12.37
N LEU A 490 -17.74 -0.68 -13.58
CA LEU A 490 -17.78 0.64 -14.20
C LEU A 490 -18.86 0.70 -15.30
N SER A 491 -19.85 1.58 -15.12
CA SER A 491 -20.92 1.78 -16.10
C SER A 491 -21.46 3.18 -16.06
N PHE A 492 -22.02 3.65 -17.18
CA PHE A 492 -22.57 4.99 -17.29
C PHE A 492 -24.05 4.94 -17.65
N GLY A 493 -24.81 5.93 -17.16
CA GLY A 493 -26.25 6.04 -17.39
C GLY A 493 -27.05 6.09 -16.12
#